data_5UZ3
#
_entry.id   5UZ3
#
_entity_poly.entity_id   1
_entity_poly.type   'polydeoxyribonucleotide'
_entity_poly.pdbx_seq_one_letter_code
;(DC)(DG)(DC)(DG)(DA)(DA)(DT)(DT)(5CM)(8OG)(DC)(DG)
;
_entity_poly.pdbx_strand_id   A,B
#
loop_
_chem_comp.id
_chem_comp.type
_chem_comp.name
_chem_comp.formula
5CM DNA linking 5-METHYL-2'-DEOXY-CYTIDINE-5'-MONOPHOSPHATE 'C10 H16 N3 O7 P'
8OG DNA linking 8-OXO-2'-DEOXY-GUANOSINE-5'-MONOPHOSPHATE 'C10 H14 N5 O8 P'
DA DNA linking 2'-DEOXYADENOSINE-5'-MONOPHOSPHATE 'C10 H14 N5 O6 P'
DC DNA linking 2'-DEOXYCYTIDINE-5'-MONOPHOSPHATE 'C9 H14 N3 O7 P'
DG DNA linking 2'-DEOXYGUANOSINE-5'-MONOPHOSPHATE 'C10 H14 N5 O7 P'
DT DNA linking THYMIDINE-5'-MONOPHOSPHATE 'C10 H15 N2 O8 P'
#
# COMPACT_ATOMS: atom_id res chain seq x y z
N1 5CM A 9 3.66 -7.39 -1.04
C2 5CM A 9 4.87 -6.81 -0.64
N3 5CM A 9 5.17 -6.65 0.66
C4 5CM A 9 4.30 -7.07 1.57
C5 5CM A 9 3.06 -7.73 1.23
C5A 5CM A 9 2.09 -8.25 2.28
C6 5CM A 9 2.78 -7.87 -0.09
O2 5CM A 9 5.73 -6.45 -1.45
N4 5CM A 9 4.66 -6.82 2.79
C1' 5CM A 9 3.31 -7.42 -2.50
C2' 5CM A 9 2.84 -8.76 -3.04
C3' 5CM A 9 2.03 -8.34 -4.27
C4' 5CM A 9 1.56 -6.92 -3.90
O4' 5CM A 9 2.24 -6.52 -2.72
O3' 5CM A 9 2.82 -8.29 -5.46
C5' 5CM A 9 0.05 -6.82 -3.69
O5' 5CM A 9 -0.45 -7.72 -2.70
P 5CM A 9 -1.98 -7.68 -2.23
OP1 5CM A 9 -2.84 -7.71 -3.44
OP2 5CM A 9 -2.18 -8.71 -1.18
H5A1 5CM A 9 1.77 -7.44 2.94
H5A2 5CM A 9 2.59 -9.01 2.89
H5A3 5CM A 9 1.21 -8.70 1.82
H6 5CM A 9 1.85 -8.33 -0.40
HN41 5CM A 9 5.55 -6.36 2.94
HN42 5CM A 9 4.10 -7.15 3.56
H1' 5CM A 9 4.17 -7.10 -3.09
H2' 5CM A 9 2.17 -9.28 -2.34
H2'' 5CM A 9 3.68 -9.41 -3.28
H3' 5CM A 9 1.17 -9.00 -4.42
H4' 5CM A 9 1.84 -6.25 -4.71
H5' 5CM A 9 -0.18 -5.78 -3.39
H5'' 5CM A 9 -0.45 -7.01 -4.64
P 8OG A 10 3.21 -9.60 -6.31
OP1 8OG A 10 3.62 -9.15 -7.67
OP2 8OG A 10 2.11 -10.60 -6.19
O5' 8OG A 10 4.50 -10.18 -5.55
C5' 8OG A 10 5.77 -9.54 -5.66
C4' 8OG A 10 6.79 -10.09 -4.64
O4' 8OG A 10 6.55 -9.55 -3.35
C3' 8OG A 10 6.76 -11.63 -4.50
O3' 8OG A 10 8.07 -12.20 -4.55
C2' 8OG A 10 6.23 -11.81 -3.09
C1' 8OG A 10 6.85 -10.58 -2.42
N9 8OG A 10 6.43 -10.28 -1.04
C8 8OG A 10 5.27 -10.57 -0.34
N7 8OG A 10 5.29 -10.24 0.92
C5 8OG A 10 6.56 -9.69 1.11
C6 8OG A 10 7.20 -9.16 2.28
O6 8OG A 10 6.74 -9.04 3.42
N1 8OG A 10 8.49 -8.73 2.04
C2 8OG A 10 9.09 -8.79 0.83
N2 8OG A 10 10.32 -8.33 0.75
N3 8OG A 10 8.54 -9.27 -0.28
C4 8OG A 10 7.26 -9.71 -0.08
O8 8OG A 10 4.26 -11.08 -0.81
H5' 8OG A 10 5.67 -8.47 -5.50
H5'' 8OG A 10 6.16 -9.71 -6.66
H4' 8OG A 10 7.78 -9.78 -4.96
H3' 8OG A 10 6.10 -12.11 -5.22
H2' 8OG A 10 5.14 -11.75 -3.10
H2'' 8OG A 10 6.56 -12.74 -2.64
H1' 8OG A 10 7.94 -10.72 -2.41
H7 8OG A 10 4.55 -10.40 1.59
H1 8OG A 10 8.99 -8.33 2.82
H21 8OG A 10 10.80 -7.98 1.56
H22 8OG A 10 10.77 -8.38 -0.15
N1 5CM B 9 -3.55 7.32 1.09
C2 5CM B 9 -2.33 7.84 1.54
N3 5CM B 9 -1.38 8.25 0.66
C4 5CM B 9 -1.65 8.16 -0.62
C5 5CM B 9 -2.91 7.69 -1.15
C5A 5CM B 9 -3.21 7.64 -2.65
C6 5CM B 9 -3.83 7.28 -0.25
O2 5CM B 9 -2.07 7.97 2.74
N4 5CM B 9 -0.65 8.54 -1.38
C1' 5CM B 9 -4.50 6.75 2.10
C2' 5CM B 9 -5.95 7.24 1.99
C3' 5CM B 9 -6.71 6.11 2.68
C4' 5CM B 9 -5.80 4.89 2.47
O4' 5CM B 9 -4.56 5.35 1.94
O3' 5CM B 9 -6.88 6.32 4.08
C5' 5CM B 9 -6.40 3.83 1.53
O5' 5CM B 9 -6.76 4.36 0.26
P 5CM B 9 -7.30 3.40 -0.92
OP1 5CM B 9 -8.39 2.55 -0.37
OP2 5CM B 9 -7.57 4.23 -2.11
H5A1 5CM B 9 -3.16 8.66 -3.06
H5A2 5CM B 9 -4.21 7.23 -2.84
H5A3 5CM B 9 -2.47 7.03 -3.17
H6 5CM B 9 -4.78 6.89 -0.59
HN41 5CM B 9 0.19 8.87 -0.93
HN42 5CM B 9 -0.77 8.57 -2.38
H1' 5CM B 9 -4.16 6.99 3.11
H2' 5CM B 9 -6.28 7.29 0.95
H2'' 5CM B 9 -6.08 8.20 2.47
H3' 5CM B 9 -7.69 5.95 2.20
H4' 5CM B 9 -5.61 4.43 3.43
H5' 5CM B 9 -5.67 3.04 1.40
H5'' 5CM B 9 -7.29 3.41 2.01
P 8OG B 10 -8.00 7.32 4.68
OP1 8OG B 10 -8.19 6.98 6.11
OP2 8OG B 10 -9.19 7.32 3.78
O5' 8OG B 10 -7.30 8.77 4.60
C5' 8OG B 10 -6.27 9.15 5.49
C4' 8OG B 10 -5.57 10.45 5.06
O4' 8OG B 10 -4.65 10.22 4.00
C3' 8OG B 10 -6.54 11.56 4.60
O3' 8OG B 10 -6.27 12.82 5.20
C2' 8OG B 10 -6.21 11.66 3.11
C1' 8OG B 10 -4.72 11.37 3.18
N9 8OG B 10 -4.01 11.22 1.87
C8 8OG B 10 -4.45 10.80 0.63
N7 8OG B 10 -3.57 10.89 -0.31
C5 8OG B 10 -2.44 11.43 0.32
C6 8OG B 10 -1.15 11.77 -0.19
O6 8OG B 10 -0.72 11.66 -1.33
N1 8OG B 10 -0.31 12.30 0.78
C2 8OG B 10 -0.66 12.46 2.08
N2 8OG B 10 0.23 12.95 2.90
N3 8OG B 10 -1.85 12.14 2.59
C4 8OG B 10 -2.71 11.62 1.66
O8 8OG B 10 -5.56 10.36 0.38
H5' 8OG B 10 -5.52 8.36 5.54
H5'' 8OG B 10 -6.68 9.29 6.49
H4' 8OG B 10 -5.00 10.83 5.92
H3' 8OG B 10 -7.60 11.28 4.75
H2' 8OG B 10 -6.75 10.89 2.57
H2'' 8OG B 10 -6.44 12.65 2.72
H1' 8OG B 10 -4.24 12.20 3.71
H7 8OG B 10 -3.71 10.67 -1.29
H1 8OG B 10 0.63 12.55 0.49
H21 8OG B 10 1.14 13.24 2.56
H22 8OG B 10 -0.03 13.07 3.86
N1 5CM A 9 3.51 -7.55 -1.07
C2 5CM A 9 4.71 -6.94 -0.68
N3 5CM A 9 5.02 -6.78 0.63
C4 5CM A 9 4.18 -7.22 1.54
C5 5CM A 9 2.94 -7.90 1.22
C5A 5CM A 9 1.98 -8.44 2.27
C6 5CM A 9 2.64 -8.04 -0.10
O2 5CM A 9 5.54 -6.54 -1.49
N4 5CM A 9 4.56 -7.00 2.77
C1' 5CM A 9 3.17 -7.61 -2.50
C2' 5CM A 9 2.74 -8.99 -3.04
C3' 5CM A 9 1.96 -8.61 -4.30
C4' 5CM A 9 1.48 -7.18 -3.99
O4' 5CM A 9 2.08 -6.75 -2.77
O3' 5CM A 9 2.78 -8.58 -5.47
C5' 5CM A 9 -0.04 -7.06 -3.90
O5' 5CM A 9 -0.61 -7.95 -2.94
P 5CM A 9 -2.16 -7.83 -2.51
OP1 5CM A 9 -2.97 -7.82 -3.75
OP2 5CM A 9 -2.44 -8.86 -1.48
H5A1 5CM A 9 1.66 -7.62 2.94
H5A2 5CM A 9 2.49 -9.18 2.89
H5A3 5CM A 9 1.10 -8.89 1.83
H6 5CM A 9 1.72 -8.52 -0.41
HN41 5CM A 9 5.44 -6.53 2.91
HN42 5CM A 9 4.01 -7.34 3.54
H1' 5CM A 9 4.02 -7.29 -3.11
H2' 5CM A 9 2.06 -9.48 -2.35
H2'' 5CM A 9 3.61 -9.61 -3.24
H3' 5CM A 9 1.11 -9.28 -4.44
H4' 5CM A 9 1.82 -6.52 -4.79
H5' 5CM A 9 -0.29 -6.02 -3.63
H5'' 5CM A 9 -0.48 -7.27 -4.88
P 8OG A 10 3.26 -9.93 -6.24
OP1 8OG A 10 3.62 -9.55 -7.62
OP2 8OG A 10 2.23 -10.98 -6.03
O5' 8OG A 10 4.58 -10.36 -5.45
C5' 8OG A 10 5.80 -9.65 -5.61
C4' 8OG A 10 6.88 -10.09 -4.60
O4' 8OG A 10 6.64 -9.53 -3.31
C3' 8OG A 10 6.98 -11.62 -4.43
O3' 8OG A 10 8.31 -12.11 -4.47
C2' 8OG A 10 6.48 -11.81 -3.00
C1' 8OG A 10 7.02 -10.52 -2.38
N9 8OG A 10 6.62 -10.23 -0.99
C8 8OG A 10 5.49 -10.54 -0.26
N7 8OG A 10 5.53 -10.22 0.99
C5 8OG A 10 6.78 -9.63 1.15
C6 8OG A 10 7.42 -9.07 2.30
O6 8OG A 10 6.98 -8.96 3.45
N1 8OG A 10 8.69 -8.61 2.04
C2 8OG A 10 9.28 -8.65 0.81
N2 8OG A 10 10.47 -8.16 0.69
N3 8OG A 10 8.71 -9.16 -0.28
C4 8OG A 10 7.45 -9.63 -0.06
O8 8OG A 10 4.48 -11.09 -0.72
H5' 8OG A 10 5.63 -8.58 -5.48
H5'' 8OG A 10 6.19 -9.82 -6.62
H4' 8OG A 10 7.85 -9.72 -4.95
H3' 8OG A 10 6.34 -12.17 -5.14
H2' 8OG A 10 5.39 -11.82 -2.98
H2'' 8OG A 10 6.89 -12.70 -2.55
H1' 8OG A 10 8.11 -10.59 -2.39
H7 8OG A 10 4.80 -10.40 1.67
H1 8OG A 10 9.21 -8.20 2.81
H21 8OG A 10 10.97 -7.78 1.50
H22 8OG A 10 10.91 -8.18 -0.21
N1 5CM B 9 -3.86 7.50 1.08
C2 5CM B 9 -2.61 7.95 1.55
N3 5CM B 9 -1.64 8.33 0.69
C4 5CM B 9 -1.88 8.28 -0.60
C5 5CM B 9 -3.16 7.88 -1.16
C5A 5CM B 9 -3.43 7.85 -2.66
C6 5CM B 9 -4.11 7.49 -0.28
O2 5CM B 9 -2.36 8.03 2.75
N4 5CM B 9 -0.88 8.64 -1.35
C1' 5CM B 9 -4.85 7.00 2.06
C2' 5CM B 9 -6.27 7.55 1.92
C3' 5CM B 9 -7.11 6.48 2.60
C4' 5CM B 9 -6.25 5.21 2.42
O4' 5CM B 9 -4.99 5.59 1.90
O3' 5CM B 9 -7.31 6.71 4.00
C5' 5CM B 9 -6.89 4.15 1.50
O5' 5CM B 9 -7.21 4.67 0.22
P 5CM B 9 -7.73 3.69 -0.96
OP1 5CM B 9 -8.85 2.87 -0.41
OP2 5CM B 9 -7.98 4.51 -2.17
H5A1 5CM B 9 -4.45 7.49 -2.86
H5A2 5CM B 9 -2.72 7.21 -3.17
H5A3 5CM B 9 -3.33 8.86 -3.06
H6 5CM B 9 -5.07 7.15 -0.64
HN41 5CM B 9 -0.01 8.92 -0.87
HN42 5CM B 9 -0.97 8.69 -2.34
H1' 5CM B 9 -4.52 7.21 3.08
H2' 5CM B 9 -6.58 7.63 0.87
H2'' 5CM B 9 -6.36 8.53 2.39
H3' 5CM B 9 -8.07 6.36 2.09
H4' 5CM B 9 -6.09 4.76 3.40
H5' 5CM B 9 -6.19 3.32 1.40
H5'' 5CM B 9 -7.79 3.78 1.98
P 8OG B 10 -8.38 7.78 4.55
OP1 8OG B 10 -8.67 7.44 5.96
OP2 8OG B 10 -9.51 7.88 3.59
O5' 8OG B 10 -7.57 9.17 4.52
C5' 8OG B 10 -6.54 9.45 5.46
C4' 8OG B 10 -5.73 10.70 5.08
O4' 8OG B 10 -4.81 10.41 4.02
C3' 8OG B 10 -6.59 11.90 4.63
O3' 8OG B 10 -6.21 13.12 5.26
C2' 8OG B 10 -6.23 12.02 3.16
C1' 8OG B 10 -4.77 11.59 3.22
N9 8OG B 10 -4.06 11.42 1.94
C8 8OG B 10 -4.49 11.06 0.68
N7 8OG B 10 -3.61 11.13 -0.26
C5 8OG B 10 -2.46 11.59 0.40
C6 8OG B 10 -1.14 11.89 -0.09
O6 8OG B 10 -0.71 11.79 -1.23
N1 8OG B 10 -0.30 12.34 0.90
C2 8OG B 10 -0.66 12.48 2.21
N2 8OG B 10 0.24 12.90 3.05
N3 8OG B 10 -1.86 12.21 2.70
C4 8OG B 10 -2.73 11.76 1.74
O8 8OG B 10 -5.64 10.69 0.40
H5' 8OG B 10 -5.85 8.60 5.51
H5'' 8OG B 10 -6.98 9.60 6.44
H4' 8OG B 10 -5.13 10.99 5.95
H3' 8OG B 10 -7.65 11.71 4.76
H2' 8OG B 10 -6.83 11.31 2.57
H2'' 8OG B 10 -6.36 13.03 2.79
H1' 8OG B 10 -4.23 12.35 3.79
H7 8OG B 10 -3.76 10.94 -1.24
H1 8OG B 10 0.64 12.56 0.63
H21 8OG B 10 1.18 13.16 2.73
H22 8OG B 10 -0.02 12.99 4.01
N1 5CM A 9 3.64 -7.49 -0.95
C2 5CM A 9 4.86 -6.88 -0.57
N3 5CM A 9 5.16 -6.69 0.73
C4 5CM A 9 4.31 -7.13 1.65
C5 5CM A 9 3.08 -7.82 1.33
C5A 5CM A 9 2.14 -8.36 2.40
C6 5CM A 9 2.79 -7.98 0.02
O2 5CM A 9 5.68 -6.50 -1.40
N4 5CM A 9 4.69 -6.86 2.87
C1' 5CM A 9 3.30 -7.57 -2.39
C2' 5CM A 9 2.86 -8.93 -2.91
C3' 5CM A 9 2.04 -8.56 -4.15
C4' 5CM A 9 1.53 -7.15 -3.81
O4' 5CM A 9 2.21 -6.70 -2.64
O3' 5CM A 9 2.82 -8.50 -5.34
C5' 5CM A 9 0.01 -7.07 -3.60
O5' 5CM A 9 -0.44 -7.97 -2.58
P 5CM A 9 -1.98 -7.99 -2.13
OP1 5CM A 9 -2.84 -8.06 -3.34
OP2 5CM A 9 -2.15 -9.03 -1.07
H5A1 5CM A 9 1.82 -7.55 3.05
H5A2 5CM A 9 2.66 -9.10 3.01
H5A3 5CM A 9 1.25 -8.82 1.96
H6 5CM A 9 1.87 -8.46 -0.27
HN41 5CM A 9 5.57 -6.39 3.00
HN42 5CM A 9 4.15 -7.21 3.64
H1' 5CM A 9 4.15 -7.24 -3.01
H2' 5CM A 9 2.21 -9.45 -2.20
H2'' 5CM A 9 3.71 -9.56 -3.14
H3' 5CM A 9 1.20 -9.24 -4.28
H4' 5CM A 9 1.78 -6.48 -4.63
H5' 5CM A 9 -0.25 -6.05 -3.32
H5'' 5CM A 9 -0.48 -7.31 -4.54
P 8OG A 10 3.25 -9.82 -6.16
OP1 8OG A 10 3.64 -9.40 -7.53
OP2 8OG A 10 2.19 -10.85 -6.01
O5' 8OG A 10 4.57 -10.34 -5.40
C5' 8OG A 10 5.82 -9.69 -5.53
C4' 8OG A 10 6.86 -10.17 -4.51
O4' 8OG A 10 6.62 -9.60 -3.23
C3' 8OG A 10 6.89 -11.71 -4.34
O3' 8OG A 10 8.21 -12.24 -4.39
C2' 8OG A 10 6.38 -11.87 -2.92
C1' 8OG A 10 6.96 -10.60 -2.29
N9 8OG A 10 6.55 -10.29 -0.90
C8 8OG A 10 5.41 -10.59 -0.19
N7 8OG A 10 5.44 -10.25 1.06
C5 8OG A 10 6.69 -9.67 1.23
C6 8OG A 10 7.33 -9.11 2.38
O6 8OG A 10 6.89 -8.99 3.52
N1 8OG A 10 8.61 -8.66 2.12
C2 8OG A 10 9.20 -8.72 0.90
N2 8OG A 10 10.42 -8.25 0.78
N3 8OG A 10 8.64 -9.22 -0.20
C4 8OG A 10 7.38 -9.69 0.02
O8 8OG A 10 4.41 -11.15 -0.64
H5' 8OG A 10 5.69 -8.60 -5.40
H5'' 8OG A 10 6.21 -9.86 -6.54
H4' 8OG A 10 7.84 -9.85 -4.85
H3' 8OG A 10 6.23 -12.22 -5.05
H2' 8OG A 10 5.28 -11.84 -2.93
H2'' 8OG A 10 6.74 -12.78 -2.45
H1' 8OG A 10 8.05 -10.72 -2.29
H7 8OG A 10 4.71 -10.41 1.74
H1 8OG A 10 9.13 -8.25 2.89
H21 8OG A 10 10.90 -7.88 1.60
H22 8OG A 10 10.86 -8.29 -0.11
N1 5CM B 9 -3.95 7.51 0.80
C2 5CM B 9 -2.70 7.96 1.28
N3 5CM B 9 -1.71 8.32 0.42
C4 5CM B 9 -1.95 8.25 -0.88
C5 5CM B 9 -3.21 7.82 -1.44
C5A 5CM B 9 -3.48 7.77 -2.94
C6 5CM B 9 -4.18 7.47 -0.56
O2 5CM B 9 -2.47 8.07 2.48
N4 5CM B 9 -0.92 8.59 -1.61
C1' 5CM B 9 -4.96 7.04 1.78
C2' 5CM B 9 -6.37 7.60 1.61
C3' 5CM B 9 -7.22 6.55 2.33
C4' 5CM B 9 -6.37 5.28 2.22
O4' 5CM B 9 -5.11 5.63 1.66
O3' 5CM B 9 -7.44 6.85 3.70
C5' 5CM B 9 -7.02 4.17 1.39
O5' 5CM B 9 -7.36 4.59 0.08
P 5CM B 9 -7.84 3.54 -1.04
OP1 5CM B 9 -8.93 2.71 -0.46
OP2 5CM B 9 -8.10 4.28 -2.31
H5A1 5CM B 9 -2.75 7.11 -3.41
H5A2 5CM B 9 -3.36 8.76 -3.37
H5A3 5CM B 9 -4.48 7.40 -3.16
H6 5CM B 9 -5.14 7.12 -0.93
HN41 5CM B 9 -0.07 8.87 -1.14
HN42 5CM B 9 -1.01 8.61 -2.61
H1' 5CM B 9 -4.64 7.27 2.80
H2' 5CM B 9 -6.67 7.65 0.56
H2'' 5CM B 9 -6.45 8.59 2.06
H3' 5CM B 9 -8.17 6.42 1.81
H4' 5CM B 9 -6.19 4.90 3.23
H5' 5CM B 9 -6.32 3.33 1.34
H5'' 5CM B 9 -7.92 3.82 1.91
P 8OG B 10 -8.51 7.96 4.20
OP1 8OG B 10 -8.85 7.67 5.61
OP2 8OG B 10 -9.61 8.04 3.21
O5' 8OG B 10 -7.67 9.34 4.14
C5' 8OG B 10 -6.67 9.63 5.11
C4' 8OG B 10 -5.85 10.88 4.74
O4' 8OG B 10 -4.90 10.57 3.71
C3' 8OG B 10 -6.70 12.06 4.23
O3' 8OG B 10 -6.33 13.29 4.84
C2' 8OG B 10 -6.30 12.13 2.76
C1' 8OG B 10 -4.83 11.73 2.89
N9 8OG B 10 -4.07 11.52 1.63
C8 8OG B 10 -4.47 11.14 0.36
N7 8OG B 10 -3.54 11.18 -0.53
C5 8OG B 10 -2.42 11.62 0.16
C6 8OG B 10 -1.07 11.88 -0.28
O6 8OG B 10 -0.59 11.74 -1.40
N1 8OG B 10 -0.25 12.34 0.73
C2 8OG B 10 -0.66 12.50 2.02
N2 8OG B 10 0.23 12.90 2.89
N3 8OG B 10 -1.89 12.27 2.46
C4 8OG B 10 -2.73 11.83 1.49
O8 8OG B 10 -5.60 10.77 0.05
H5' 8OG B 10 -5.99 8.78 5.21
H5'' 8OG B 10 -7.14 9.81 6.08
H4' 8OG B 10 -5.29 11.19 5.63
H3' 8OG B 10 -7.77 11.88 4.33
H2' 8OG B 10 -6.87 11.40 2.18
H2'' 8OG B 10 -6.41 13.13 2.36
H1' 8OG B 10 -4.31 12.51 3.45
H7 8OG B 10 -3.66 10.96 -1.51
H1 8OG B 10 0.70 12.54 0.50
H21 8OG B 10 1.18 13.12 2.60
H22 8OG B 10 -0.08 13.04 3.84
N1 5CM A 9 3.59 -7.42 -1.08
C2 5CM A 9 4.81 -6.86 -0.68
N3 5CM A 9 5.11 -6.70 0.64
C4 5CM A 9 4.24 -7.12 1.53
C5 5CM A 9 2.98 -7.75 1.19
C5A 5CM A 9 1.99 -8.24 2.24
C6 5CM A 9 2.71 -7.88 -0.14
O2 5CM A 9 5.66 -6.49 -1.48
N4 5CM A 9 4.60 -6.90 2.77
C1' 5CM A 9 3.26 -7.44 -2.54
C2' 5CM A 9 2.76 -8.78 -3.08
C3' 5CM A 9 1.99 -8.33 -4.34
C4' 5CM A 9 1.57 -6.91 -3.99
O4' 5CM A 9 2.22 -6.52 -2.78
O3' 5CM A 9 2.81 -8.32 -5.51
C5' 5CM A 9 0.05 -6.74 -3.85
O5' 5CM A 9 -0.50 -7.60 -2.87
P 5CM A 9 -2.04 -7.46 -2.40
OP1 5CM A 9 -2.89 -7.43 -3.62
OP2 5CM A 9 -2.32 -8.49 -1.37
H5A1 5CM A 9 2.46 -9.01 2.85
H5A2 5CM A 9 1.10 -8.67 1.77
H5A3 5CM A 9 1.69 -7.42 2.88
H6 5CM A 9 1.77 -8.32 -0.44
HN41 5CM A 9 5.50 -6.47 2.92
HN42 5CM A 9 4.03 -7.22 3.53
H1' 5CM A 9 4.13 -7.15 -3.12
H2' 5CM A 9 2.07 -9.27 -2.40
H2'' 5CM A 9 3.59 -9.44 -3.31
H3' 5CM A 9 1.12 -8.98 -4.48
H4' 5CM A 9 1.91 -6.24 -4.78
H5' 5CM A 9 -0.14 -5.70 -3.56
H5'' 5CM A 9 -0.41 -6.92 -4.81
P 8OG A 10 3.20 -9.65 -6.33
OP1 8OG A 10 3.61 -9.24 -7.70
OP2 8OG A 10 2.10 -10.65 -6.17
O5' 8OG A 10 4.49 -10.20 -5.55
C5' 8OG A 10 5.76 -9.58 -5.68
C4' 8OG A 10 6.79 -10.12 -4.67
O4' 8OG A 10 6.57 -9.56 -3.38
C3' 8OG A 10 6.77 -11.65 -4.52
O3' 8OG A 10 8.07 -12.22 -4.56
C2' 8OG A 10 6.24 -11.82 -3.10
C1' 8OG A 10 6.87 -10.59 -2.45
N9 8OG A 10 6.47 -10.28 -1.06
C8 8OG A 10 5.31 -10.54 -0.36
N7 8OG A 10 5.35 -10.21 0.90
C5 8OG A 10 6.63 -9.71 1.08
C6 8OG A 10 7.29 -9.18 2.24
O6 8OG A 10 6.85 -9.05 3.38
N1 8OG A 10 8.59 -8.80 2.00
C2 8OG A 10 9.18 -8.87 0.79
N2 8OG A 10 10.42 -8.45 0.68
N3 8OG A 10 8.61 -9.33 -0.32
C4 8OG A 10 7.32 -9.74 -0.11
O8 8OG A 10 4.29 -11.03 -0.82
H5' 8OG A 10 5.66 -8.50 -5.53
H5'' 8OG A 10 6.14 -9.74 -6.69
H4' 8OG A 10 7.78 -9.81 -5.01
H3' 8OG A 10 6.11 -12.13 -5.25
H2' 8OG A 10 5.15 -11.75 -3.11
H2'' 8OG A 10 6.57 -12.75 -2.65
H1' 8OG A 10 7.96 -10.74 -2.45
H7 8OG A 10 4.61 -10.36 1.57
H1 8OG A 10 9.12 -8.43 2.77
H21 8OG A 10 10.93 -8.11 1.50
H22 8OG A 10 10.86 -8.51 -0.21
N1 5CM B 9 -3.48 7.31 1.19
C2 5CM B 9 -2.27 7.85 1.64
N3 5CM B 9 -1.34 8.28 0.75
C4 5CM B 9 -1.60 8.19 -0.53
C5 5CM B 9 -2.85 7.70 -1.06
C5A 5CM B 9 -3.15 7.64 -2.55
C6 5CM B 9 -3.76 7.26 -0.16
O2 5CM B 9 -2.01 8.00 2.83
N4 5CM B 9 -0.62 8.59 -1.29
C1' 5CM B 9 -4.42 6.73 2.19
C2' 5CM B 9 -5.87 7.18 2.08
C3' 5CM B 9 -6.62 6.03 2.75
C4' 5CM B 9 -5.69 4.83 2.51
O4' 5CM B 9 -4.44 5.31 2.02
O3' 5CM B 9 -6.80 6.21 4.15
C5' 5CM B 9 -6.26 3.78 1.54
O5' 5CM B 9 -6.60 4.35 0.28
P 5CM B 9 -7.14 3.41 -0.92
OP1 5CM B 9 -8.23 2.56 -0.40
OP2 5CM B 9 -7.40 4.27 -2.10
H5A1 5CM B 9 -2.40 7.05 -3.07
H5A2 5CM B 9 -3.12 8.66 -2.97
H5A3 5CM B 9 -4.14 7.21 -2.74
H6 5CM B 9 -4.70 6.85 -0.50
HN41 5CM B 9 0.22 8.94 -0.84
HN42 5CM B 9 -0.73 8.62 -2.29
H1' 5CM B 9 -4.08 6.95 3.21
H2' 5CM B 9 -6.20 7.25 1.04
H2'' 5CM B 9 -6.02 8.13 2.58
H3' 5CM B 9 -7.59 5.86 2.26
H4' 5CM B 9 -5.51 4.33 3.47
H5' 5CM B 9 -5.52 3.00 1.40
H5'' 5CM B 9 -7.14 3.34 2.00
P 8OG B 10 -7.95 7.17 4.77
OP1 8OG B 10 -8.13 6.79 6.19
OP2 8OG B 10 -9.12 7.17 3.86
O5' 8OG B 10 -7.27 8.63 4.72
C5' 8OG B 10 -6.23 9.01 5.61
C4' 8OG B 10 -5.55 10.32 5.21
O4' 8OG B 10 -4.65 10.12 4.12
C3' 8OG B 10 -6.55 11.43 4.79
O3' 8OG B 10 -6.27 12.69 5.40
C2' 8OG B 10 -6.24 11.57 3.30
C1' 8OG B 10 -4.73 11.29 3.33
N9 8OG B 10 -4.05 11.17 2.01
C8 8OG B 10 -4.49 10.75 0.77
N7 8OG B 10 -3.63 10.88 -0.19
C5 8OG B 10 -2.52 11.44 0.43
C6 8OG B 10 -1.24 11.83 -0.09
O6 8OG B 10 -0.82 11.75 -1.25
N1 8OG B 10 -0.41 12.37 0.86
C2 8OG B 10 -0.74 12.51 2.17
N2 8OG B 10 0.15 13.02 2.97
N3 8OG B 10 -1.91 12.15 2.70
C4 8OG B 10 -2.76 11.61 1.78
O8 8OG B 10 -5.61 10.29 0.54
H5' 8OG B 10 -5.47 8.23 5.65
H5'' 8OG B 10 -6.65 9.12 6.61
H4' 8OG B 10 -4.98 10.68 6.07
H3' 8OG B 10 -7.58 11.14 4.94
H2' 8OG B 10 -6.78 10.82 2.74
H2'' 8OG B 10 -6.47 12.57 2.93
H1' 8OG B 10 -4.25 12.11 3.86
H7 8OG B 10 -3.80 10.66 -1.16
H1 8OG B 10 0.51 12.67 0.56
H21 8OG B 10 1.05 13.34 2.62
H22 8OG B 10 -0.09 13.12 3.95
N1 5CM A 9 3.62 -7.50 -0.93
C2 5CM A 9 4.83 -6.90 -0.57
N3 5CM A 9 5.14 -6.70 0.73
C4 5CM A 9 4.28 -7.10 1.65
C5 5CM A 9 3.04 -7.79 1.35
C5A 5CM A 9 2.09 -8.29 2.43
C6 5CM A 9 2.75 -7.96 0.04
O2 5CM A 9 5.68 -6.56 -1.40
N4 5CM A 9 4.66 -6.83 2.88
C1' 5CM A 9 3.27 -7.58 -2.38
C2' 5CM A 9 2.81 -8.95 -2.88
C3' 5CM A 9 1.98 -8.59 -4.11
C4' 5CM A 9 1.48 -7.17 -3.77
O4' 5CM A 9 2.18 -6.70 -2.63
O3' 5CM A 9 2.74 -8.54 -5.31
C5' 5CM A 9 -0.04 -7.10 -3.52
O5' 5CM A 9 -0.47 -7.99 -2.50
P 5CM A 9 -2.00 -8.01 -2.01
OP1 5CM A 9 -2.87 -8.13 -3.22
OP2 5CM A 9 -2.14 -9.02 -0.94
H5A1 5CM A 9 1.78 -7.46 3.07
H5A2 5CM A 9 2.59 -9.03 3.06
H5A3 5CM A 9 1.21 -8.75 1.99
H6 5CM A 9 1.83 -8.43 -0.25
HN41 5CM A 9 5.55 -6.36 3.00
HN42 5CM A 9 4.10 -7.14 3.65
H1' 5CM A 9 4.12 -7.28 -3.00
H2' 5CM A 9 2.17 -9.46 -2.15
H2'' 5CM A 9 3.67 -9.58 -3.12
H3' 5CM A 9 1.14 -9.27 -4.22
H4' 5CM A 9 1.71 -6.52 -4.61
H5' 5CM A 9 -0.29 -6.08 -3.25
H5'' 5CM A 9 -0.55 -7.34 -4.45
P 8OG A 10 3.17 -9.87 -6.12
OP1 8OG A 10 3.54 -9.46 -7.51
OP2 8OG A 10 2.10 -10.90 -5.96
O5' 8OG A 10 4.48 -10.38 -5.37
C5' 8OG A 10 5.73 -9.71 -5.52
C4' 8OG A 10 6.79 -10.20 -4.50
O4' 8OG A 10 6.55 -9.64 -3.22
C3' 8OG A 10 6.82 -11.73 -4.33
O3' 8OG A 10 8.14 -12.26 -4.38
C2' 8OG A 10 6.30 -11.90 -2.92
C1' 8OG A 10 6.88 -10.64 -2.28
N9 8OG A 10 6.46 -10.33 -0.89
C8 8OG A 10 5.32 -10.62 -0.19
N7 8OG A 10 5.33 -10.27 1.06
C5 8OG A 10 6.60 -9.70 1.24
C6 8OG A 10 7.24 -9.15 2.40
O6 8OG A 10 6.79 -9.03 3.53
N1 8OG A 10 8.52 -8.70 2.15
C2 8OG A 10 9.12 -8.78 0.93
N2 8OG A 10 10.34 -8.31 0.83
N3 8OG A 10 8.57 -9.28 -0.16
C4 8OG A 10 7.29 -9.73 0.05
O8 8OG A 10 4.32 -11.17 -0.64
H5' 8OG A 10 5.59 -8.64 -5.38
H5'' 8OG A 10 6.12 -9.88 -6.52
H4' 8OG A 10 7.77 -9.86 -4.85
H3' 8OG A 10 6.17 -12.24 -5.05
H2' 8OG A 10 5.21 -11.87 -2.92
H2'' 8OG A 10 6.66 -12.81 -2.45
H1' 8OG A 10 7.97 -10.75 -2.27
H7 8OG A 10 4.60 -10.44 1.74
H1 8OG A 10 9.03 -8.31 2.92
H21 8OG A 10 10.83 -7.94 1.64
H22 8OG A 10 10.79 -8.37 -0.07
N1 5CM B 9 -3.81 7.47 0.90
C2 5CM B 9 -2.58 7.92 1.36
N3 5CM B 9 -1.60 8.30 0.51
C4 5CM B 9 -1.85 8.26 -0.78
C5 5CM B 9 -3.12 7.85 -1.34
C5A 5CM B 9 -3.39 7.82 -2.85
C6 5CM B 9 -4.06 7.46 -0.46
O2 5CM B 9 -2.32 8.02 2.57
N4 5CM B 9 -0.83 8.63 -1.52
C1' 5CM B 9 -4.80 6.95 1.88
C2' 5CM B 9 -6.22 7.50 1.74
C3' 5CM B 9 -7.06 6.42 2.42
C4' 5CM B 9 -6.20 5.16 2.21
O4' 5CM B 9 -4.93 5.55 1.70
O3' 5CM B 9 -7.23 6.63 3.83
C5' 5CM B 9 -6.84 4.13 1.26
O5' 5CM B 9 -7.13 4.67 -0.02
P 5CM B 9 -7.64 3.73 -1.22
OP1 5CM B 9 -8.79 2.93 -0.73
OP2 5CM B 9 -7.82 4.56 -2.43
H5A1 5CM B 9 -3.29 8.82 -3.25
H5A2 5CM B 9 -4.40 7.45 -3.06
H5A3 5CM B 9 -2.66 7.18 -3.35
H6 5CM B 9 -5.03 7.11 -0.82
HN41 5CM B 9 0.02 8.91 -1.06
HN42 5CM B 9 -0.93 8.67 -2.53
H1' 5CM B 9 -4.47 7.15 2.90
H2' 5CM B 9 -6.53 7.59 0.70
H2'' 5CM B 9 -6.31 8.47 2.23
H3' 5CM B 9 -8.02 6.31 1.93
H4' 5CM B 9 -6.06 4.67 3.18
H5' 5CM B 9 -6.15 3.28 1.15
H5'' 5CM B 9 -7.76 3.76 1.71
P 8OG B 10 -8.28 7.70 4.42
OP1 8OG B 10 -8.57 7.32 5.82
OP2 8OG B 10 -9.42 7.82 3.47
O5' 8OG B 10 -7.47 9.09 4.40
C5' 8OG B 10 -6.44 9.35 5.35
C4' 8OG B 10 -5.65 10.62 5.02
O4' 8OG B 10 -4.72 10.39 3.96
C3' 8OG B 10 -6.53 11.82 4.59
O3' 8OG B 10 -6.18 13.03 5.23
C2' 8OG B 10 -6.18 11.95 3.11
C1' 8OG B 10 -4.71 11.57 3.19
N9 8OG B 10 -3.98 11.43 1.90
C8 8OG B 10 -4.41 11.06 0.64
N7 8OG B 10 -3.50 11.14 -0.29
C5 8OG B 10 -2.37 11.62 0.38
C6 8OG B 10 -1.06 11.92 -0.10
O6 8OG B 10 -0.60 11.82 -1.24
N1 8OG B 10 -0.23 12.41 0.88
C2 8OG B 10 -0.60 12.56 2.18
N2 8OG B 10 0.29 13.00 3.03
N3 8OG B 10 -1.80 12.27 2.67
C4 8OG B 10 -2.67 11.80 1.71
O8 8OG B 10 -5.53 10.66 0.35
H5' 8OG B 10 -5.74 8.51 5.38
H5'' 8OG B 10 -6.88 9.47 6.33
H4' 8OG B 10 -5.09 10.92 5.91
H3' 8OG B 10 -7.60 11.60 4.72
H2' 8OG B 10 -6.75 11.23 2.52
H2'' 8OG B 10 -6.33 12.97 2.76
H1' 8OG B 10 -4.19 12.35 3.75
H7 8OG B 10 -3.64 10.93 -1.27
H1 8OG B 10 0.72 12.66 0.62
H21 8OG B 10 1.22 13.26 2.71
H22 8OG B 10 0.02 13.10 3.99
N1 5CM A 9 3.67 -7.42 -1.06
C2 5CM A 9 4.88 -6.85 -0.66
N3 5CM A 9 5.18 -6.69 0.65
C4 5CM A 9 4.30 -7.11 1.55
C5 5CM A 9 3.05 -7.75 1.20
C5A 5CM A 9 2.07 -8.26 2.25
C6 5CM A 9 2.77 -7.89 -0.12
O2 5CM A 9 5.74 -6.48 -1.47
N4 5CM A 9 4.66 -6.89 2.78
C1' 5CM A 9 3.33 -7.44 -2.52
C2' 5CM A 9 2.85 -8.79 -3.06
C3' 5CM A 9 2.07 -8.37 -4.31
C4' 5CM A 9 1.60 -6.94 -3.94
O4' 5CM A 9 2.27 -6.54 -2.76
O3' 5CM A 9 2.86 -8.31 -5.49
C5' 5CM A 9 0.09 -6.81 -3.76
O5' 5CM A 9 -0.42 -7.69 -2.76
P 5CM A 9 -1.95 -7.62 -2.29
OP1 5CM A 9 -2.81 -7.65 -3.50
OP2 5CM A 9 -2.17 -8.65 -1.24
H5A1 5CM A 9 1.18 -8.69 1.78
H5A2 5CM A 9 1.75 -7.45 2.90
H5A3 5CM A 9 2.54 -9.02 2.87
H6 5CM A 9 1.85 -8.35 -0.43
HN41 5CM A 9 5.56 -6.45 2.94
HN42 5CM A 9 4.09 -7.22 3.54
H1' 5CM A 9 4.21 -7.14 -3.11
H2' 5CM A 9 2.18 -9.30 -2.38
H2'' 5CM A 9 3.69 -9.43 -3.30
H3' 5CM A 9 1.20 -9.02 -4.45
H4' 5CM A 9 1.90 -6.27 -4.76
H5' 5CM A 9 -0.14 -5.77 -3.47
H5'' 5CM A 9 -0.40 -7.01 -4.71
P 8OG A 10 3.26 -9.63 -6.33
OP1 8OG A 10 3.67 -9.20 -7.69
OP2 8OG A 10 2.17 -10.63 -6.19
O5' 8OG A 10 4.56 -10.20 -5.57
C5' 8OG A 10 5.83 -9.57 -5.69
C4' 8OG A 10 6.86 -10.10 -4.69
O4' 8OG A 10 6.64 -9.55 -3.39
C3' 8OG A 10 6.84 -11.64 -4.53
O3' 8OG A 10 8.14 -12.21 -4.57
C2' 8OG A 10 6.31 -11.81 -3.12
C1' 8OG A 10 6.94 -10.58 -2.47
N9 8OG A 10 6.54 -10.27 -1.07
C8 8OG A 10 5.38 -10.53 -0.37
N7 8OG A 10 5.42 -10.20 0.88
C5 8OG A 10 6.70 -9.69 1.07
C6 8OG A 10 7.36 -9.17 2.22
O6 8OG A 10 6.91 -9.03 3.37
N1 8OG A 10 8.66 -8.78 1.99
C2 8OG A 10 9.25 -8.86 0.77
N2 8OG A 10 10.49 -8.44 0.67
N3 8OG A 10 8.68 -9.32 -0.33
C4 8OG A 10 7.39 -9.72 -0.13
O8 8OG A 10 4.36 -11.03 -0.83
H5' 8OG A 10 5.73 -8.49 -5.53
H5'' 8OG A 10 6.21 -9.73 -6.69
H4' 8OG A 10 7.85 -9.80 -5.02
H3' 8OG A 10 6.17 -12.12 -5.25
H2' 8OG A 10 5.22 -11.75 -3.11
H2'' 8OG A 10 6.64 -12.74 -2.67
H1' 8OG A 10 8.02 -10.72 -2.46
H7 8OG A 10 4.67 -10.35 1.55
H1 8OG A 10 9.18 -8.41 2.76
H21 8OG A 10 10.99 -8.10 1.49
H22 8OG A 10 10.93 -8.49 -0.23
N1 5CM B 9 -3.60 7.33 1.14
C2 5CM B 9 -2.38 7.85 1.60
N3 5CM B 9 -1.42 8.26 0.73
C4 5CM B 9 -1.67 8.16 -0.56
C5 5CM B 9 -2.92 7.68 -1.10
C5A 5CM B 9 -3.21 7.63 -2.60
C6 5CM B 9 -3.86 7.27 -0.20
O2 5CM B 9 -2.14 8.00 2.80
N4 5CM B 9 -0.67 8.52 -1.31
C1' 5CM B 9 -4.56 6.77 2.14
C2' 5CM B 9 -6.00 7.25 2.01
C3' 5CM B 9 -6.78 6.12 2.68
C4' 5CM B 9 -5.86 4.90 2.47
O4' 5CM B 9 -4.61 5.37 1.98
O3' 5CM B 9 -6.97 6.33 4.07
C5' 5CM B 9 -6.44 3.86 1.52
O5' 5CM B 9 -6.76 4.40 0.24
P 5CM B 9 -7.29 3.45 -0.96
OP1 5CM B 9 -8.40 2.61 -0.43
OP2 5CM B 9 -7.52 4.29 -2.15
H5A1 5CM B 9 -3.15 8.63 -3.03
H5A2 5CM B 9 -4.20 7.22 -2.80
H5A3 5CM B 9 -2.47 7.00 -3.10
H6 5CM B 9 -4.80 6.88 -0.56
HN41 5CM B 9 0.17 8.86 -0.85
HN42 5CM B 9 -0.77 8.55 -2.31
H1' 5CM B 9 -4.23 7.01 3.15
H2' 5CM B 9 -6.32 7.32 0.96
H2'' 5CM B 9 -6.15 8.22 2.48
H3' 5CM B 9 -7.74 5.96 2.19
H4' 5CM B 9 -5.69 4.42 3.44
H5' 5CM B 9 -5.71 3.06 1.40
H5'' 5CM B 9 -7.33 3.43 1.97
P 8OG B 10 -8.11 7.31 4.67
OP1 8OG B 10 -8.32 6.97 6.09
OP2 8OG B 10 -9.28 7.29 3.76
O5' 8OG B 10 -7.44 8.77 4.58
C5' 8OG B 10 -6.40 9.17 5.48
C4' 8OG B 10 -5.71 10.47 5.05
O4' 8OG B 10 -4.79 10.21 3.99
C3' 8OG B 10 -6.68 11.56 4.57
O3' 8OG B 10 -6.41 12.83 5.16
C2' 8OG B 10 -6.35 11.66 3.09
C1' 8OG B 10 -4.85 11.37 3.15
N9 8OG B 10 -4.15 11.20 1.85
C8 8OG B 10 -4.58 10.78 0.62
N7 8OG B 10 -3.70 10.87 -0.34
C5 8OG B 10 -2.58 11.40 0.30
C6 8OG B 10 -1.28 11.75 -0.22
O6 8OG B 10 -0.85 11.64 -1.36
N1 8OG B 10 -0.44 12.27 0.75
C2 8OG B 10 -0.80 12.42 2.05
N2 8OG B 10 0.10 12.92 2.87
N3 8OG B 10 -1.98 12.11 2.57
C4 8OG B 10 -2.84 11.60 1.63
O8 8OG B 10 -5.70 10.34 0.36
H5' 8OG B 10 -5.66 8.37 5.56
H5'' 8OG B 10 -6.84 9.31 6.47
H4' 8OG B 10 -5.14 10.85 5.90
H3' 8OG B 10 -7.73 11.29 4.72
H2' 8OG B 10 -6.88 10.89 2.55
H2'' 8OG B 10 -6.55 12.65 2.69
H1' 8OG B 10 -4.37 12.19 3.68
H7 8OG B 10 -3.85 10.64 -1.31
H1 8OG B 10 0.48 12.54 0.47
H21 8OG B 10 1.01 13.22 2.53
H22 8OG B 10 -0.17 13.04 3.83
N1 5CM A 9 3.59 -7.55 -0.98
C2 5CM A 9 4.82 -6.99 -0.63
N3 5CM A 9 5.15 -6.79 0.67
C4 5CM A 9 4.29 -7.15 1.60
C5 5CM A 9 3.02 -7.79 1.31
C5A 5CM A 9 2.05 -8.23 2.40
C6 5CM A 9 2.71 -7.96 0.00
O2 5CM A 9 5.67 -6.68 -1.47
N4 5CM A 9 4.67 -6.88 2.82
C1' 5CM A 9 3.23 -7.64 -2.42
C2' 5CM A 9 2.72 -9.01 -2.90
C3' 5CM A 9 1.90 -8.64 -4.14
C4' 5CM A 9 1.45 -7.19 -3.82
O4' 5CM A 9 2.17 -6.74 -2.68
O3' 5CM A 9 2.66 -8.63 -5.34
C5' 5CM A 9 -0.06 -7.06 -3.58
O5' 5CM A 9 -0.52 -7.91 -2.55
P 5CM A 9 -2.06 -7.86 -2.08
OP1 5CM A 9 -2.93 -7.96 -3.28
OP2 5CM A 9 -2.25 -8.85 -0.98
H5A1 5CM A 9 1.77 -7.39 3.03
H5A2 5CM A 9 2.53 -8.99 3.02
H5A3 5CM A 9 1.14 -8.66 1.97
H6 5CM A 9 1.77 -8.41 -0.28
HN41 5CM A 9 5.58 -6.44 2.92
HN42 5CM A 9 4.12 -7.15 3.60
H1' 5CM A 9 4.08 -7.38 -3.06
H2' 5CM A 9 2.06 -9.48 -2.17
H2'' 5CM A 9 3.54 -9.68 -3.13
H3' 5CM A 9 1.03 -9.29 -4.23
H4' 5CM A 9 1.72 -6.56 -4.67
H5' 5CM A 9 -0.27 -6.02 -3.32
H5'' 5CM A 9 -0.57 -7.29 -4.51
P 8OG A 10 3.03 -10.00 -6.13
OP1 8OG A 10 3.41 -9.63 -7.52
OP2 8OG A 10 1.95 -10.98 -5.93
O5' 8OG A 10 4.35 -10.53 -5.37
C5' 8OG A 10 5.61 -9.89 -5.52
C4' 8OG A 10 6.65 -10.37 -4.50
O4' 8OG A 10 6.42 -9.79 -3.22
C3' 8OG A 10 6.66 -11.90 -4.31
O3' 8OG A 10 7.97 -12.45 -4.37
C2' 8OG A 10 6.16 -12.05 -2.88
C1' 8OG A 10 6.75 -10.78 -2.28
N9 8OG A 10 6.35 -10.44 -0.88
C8 8OG A 10 5.21 -10.72 -0.17
N7 8OG A 10 5.23 -10.37 1.08
C5 8OG A 10 6.51 -9.82 1.23
C6 8OG A 10 7.16 -9.26 2.39
O6 8OG A 10 6.72 -9.13 3.53
N1 8OG A 10 8.44 -8.83 2.13
C2 8OG A 10 9.03 -8.91 0.90
N2 8OG A 10 10.25 -8.45 0.79
N3 8OG A 10 8.46 -9.42 -0.18
C4 8OG A 10 7.19 -9.85 0.04
O8 8OG A 10 4.19 -11.26 -0.61
H5' 8OG A 10 5.50 -8.80 -5.40
H5'' 8OG A 10 5.98 -10.08 -6.52
H4' 8OG A 10 7.63 -10.05 -4.85
H3' 8OG A 10 6.00 -12.42 -5.01
H2' 8OG A 10 5.06 -12.02 -2.87
H2'' 8OG A 10 6.53 -12.96 -2.41
H1' 8OG A 10 7.85 -10.90 -2.27
H7 8OG A 10 4.51 -10.52 1.76
H1 8OG A 10 8.96 -8.42 2.89
H21 8OG A 10 10.75 -8.09 1.59
H22 8OG A 10 10.70 -8.51 -0.12
N1 5CM B 9 -3.52 7.46 1.05
C2 5CM B 9 -2.31 7.96 1.54
N3 5CM B 9 -1.32 8.33 0.68
C4 5CM B 9 -1.55 8.24 -0.61
C5 5CM B 9 -2.80 7.79 -1.18
C5A 5CM B 9 -3.06 7.75 -2.68
C6 5CM B 9 -3.76 7.42 -0.31
O2 5CM B 9 -2.08 8.09 2.74
N4 5CM B 9 -0.52 8.59 -1.35
C1' 5CM B 9 -4.51 6.92 2.03
C2' 5CM B 9 -5.94 7.44 1.87
C3' 5CM B 9 -6.76 6.33 2.53
C4' 5CM B 9 -5.87 5.08 2.31
O4' 5CM B 9 -4.59 5.52 1.86
O3' 5CM B 9 -6.98 6.52 3.91
C5' 5CM B 9 -6.46 4.06 1.33
O5' 5CM B 9 -6.75 4.64 0.06
P 5CM B 9 -7.28 3.73 -1.16
OP1 5CM B 9 -8.43 2.93 -0.66
OP2 5CM B 9 -7.47 4.59 -2.35
H5A1 5CM B 9 -2.98 8.76 -3.10
H5A2 5CM B 9 -4.05 7.37 -2.90
H5A3 5CM B 9 -2.32 7.11 -3.17
H6 5CM B 9 -4.71 7.04 -0.67
HN41 5CM B 9 0.32 8.90 -0.86
HN42 5CM B 9 -0.61 8.62 -2.35
H1' 5CM B 9 -4.20 7.13 3.06
H2' 5CM B 9 -6.23 7.52 0.83
H2'' 5CM B 9 -6.07 8.40 2.37
H3' 5CM B 9 -7.72 6.20 2.01
H4' 5CM B 9 -5.75 4.58 3.27
H5' 5CM B 9 -5.75 3.25 1.21
H5'' 5CM B 9 -7.37 3.66 1.75
P 8OG B 10 -8.12 7.51 4.50
OP1 8OG B 10 -8.34 7.16 5.92
OP2 8OG B 10 -9.27 7.49 3.56
O5' 8OG B 10 -7.43 8.96 4.43
C5' 8OG B 10 -6.43 9.36 5.36
C4' 8OG B 10 -5.72 10.66 4.95
O4' 8OG B 10 -4.76 10.41 3.92
C3' 8OG B 10 -6.68 11.75 4.42
O3' 8OG B 10 -6.44 13.02 5.00
C2' 8OG B 10 -6.29 11.82 2.95
C1' 8OG B 10 -4.80 11.54 3.06
N9 8OG B 10 -4.05 11.35 1.80
C8 8OG B 10 -4.44 10.92 0.55
N7 8OG B 10 -3.53 10.98 -0.38
C5 8OG B 10 -2.42 11.50 0.29
C6 8OG B 10 -1.10 11.83 -0.18
O6 8OG B 10 -0.64 11.69 -1.30
N1 8OG B 10 -0.29 12.35 0.81
C2 8OG B 10 -0.70 12.54 2.09
N2 8OG B 10 0.17 13.03 2.94
N3 8OG B 10 -1.90 12.25 2.57
C4 8OG B 10 -2.73 11.73 1.62
O8 8OG B 10 -5.56 10.51 0.25
H5' 8OG B 10 -5.68 8.57 5.44
H5'' 8OG B 10 -6.88 9.50 6.34
H4' 8OG B 10 -5.19 11.05 5.82
H3' 8OG B 10 -7.73 11.47 4.53
H2' 8OG B 10 -6.81 11.03 2.40
H2'' 8OG B 10 -6.51 12.80 2.51
H1' 8OG B 10 -4.35 12.38 3.59
H7 8OG B 10 -3.66 10.74 -1.34
H1 8OG B 10 0.64 12.60 0.56
H21 8OG B 10 1.10 13.31 2.62
H22 8OG B 10 -0.12 13.18 3.89
N1 5CM A 9 3.65 -7.31 -0.99
C2 5CM A 9 4.87 -6.76 -0.58
N3 5CM A 9 5.17 -6.63 0.74
C4 5CM A 9 4.30 -7.05 1.63
C5 5CM A 9 3.05 -7.68 1.29
C5A 5CM A 9 2.06 -8.21 2.33
C6 5CM A 9 2.76 -7.79 -0.04
O2 5CM A 9 5.73 -6.39 -1.38
N4 5CM A 9 4.67 -6.85 2.87
C1' 5CM A 9 3.31 -7.32 -2.43
C2' 5CM A 9 2.81 -8.65 -3.00
C3' 5CM A 9 2.03 -8.18 -4.23
C4' 5CM A 9 1.58 -6.76 -3.84
O4' 5CM A 9 2.26 -6.39 -2.66
O3' 5CM A 9 2.82 -8.12 -5.42
C5' 5CM A 9 0.06 -6.64 -3.64
O5' 5CM A 9 -0.45 -7.55 -2.67
P 5CM A 9 -1.98 -7.49 -2.19
OP1 5CM A 9 -2.85 -7.48 -3.41
OP2 5CM A 9 -2.21 -8.54 -1.17
H5A1 5CM A 9 2.54 -8.98 2.92
H5A2 5CM A 9 1.17 -8.63 1.85
H5A3 5CM A 9 1.77 -7.40 2.99
H6 5CM A 9 1.83 -8.24 -0.36
HN41 5CM A 9 5.57 -6.41 3.02
HN42 5CM A 9 4.10 -7.18 3.63
H1' 5CM A 9 4.18 -7.00 -3.02
H2' 5CM A 9 2.14 -9.16 -2.31
H2'' 5CM A 9 3.65 -9.30 -3.25
H3' 5CM A 9 1.15 -8.83 -4.38
H4' 5CM A 9 1.87 -6.08 -4.64
H5' 5CM A 9 -0.15 -5.61 -3.33
H5'' 5CM A 9 -0.44 -6.81 -4.60
P 8OG A 10 3.19 -9.44 -6.28
OP1 8OG A 10 3.60 -8.99 -7.63
OP2 8OG A 10 2.08 -10.42 -6.17
O5' 8OG A 10 4.47 -10.05 -5.52
C5' 8OG A 10 5.75 -9.43 -5.62
C4' 8OG A 10 6.77 -10.00 -4.61
O4' 8OG A 10 6.52 -9.46 -3.31
C3' 8OG A 10 6.73 -11.54 -4.50
O3' 8OG A 10 8.03 -12.11 -4.55
C2' 8OG A 10 6.18 -11.73 -3.09
C1' 8OG A 10 6.81 -10.52 -2.41
N9 8OG A 10 6.40 -10.24 -1.01
C8 8OG A 10 5.23 -10.52 -0.32
N7 8OG A 10 5.27 -10.22 0.94
C5 8OG A 10 6.54 -9.70 1.15
C6 8OG A 10 7.19 -9.21 2.32
O6 8OG A 10 6.75 -9.11 3.47
N1 8OG A 10 8.49 -8.81 2.09
C2 8OG A 10 9.10 -8.85 0.88
N2 8OG A 10 10.32 -8.42 0.79
N3 8OG A 10 8.52 -9.29 -0.24
C4 8OG A 10 7.23 -9.70 -0.05
O8 8OG A 10 4.22 -11.01 -0.81
H5' 8OG A 10 5.66 -8.35 -5.46
H5'' 8OG A 10 6.14 -9.58 -6.63
H4' 8OG A 10 7.76 -9.69 -4.93
H3' 8OG A 10 6.06 -12.00 -5.23
H2' 8OG A 10 5.10 -11.66 -3.10
H2'' 8OG A 10 6.51 -12.67 -2.65
H1' 8OG A 10 7.89 -10.67 -2.39
H7 8OG A 10 4.52 -10.38 1.60
H1 8OG A 10 9.01 -8.46 2.89
H21 8OG A 10 10.83 -8.11 1.63
H22 8OG A 10 10.78 -8.46 -0.10
N1 5CM B 9 -3.78 7.38 0.90
C2 5CM B 9 -2.56 7.88 1.36
N3 5CM B 9 -1.59 8.26 0.48
C4 5CM B 9 -1.84 8.17 -0.81
C5 5CM B 9 -3.10 7.70 -1.35
C5A 5CM B 9 -3.38 7.63 -2.84
C6 5CM B 9 -4.05 7.32 -0.45
O2 5CM B 9 -2.29 8.02 2.55
N4 5CM B 9 -0.85 8.54 -1.57
C1' 5CM B 9 -4.76 6.86 1.90
C2' 5CM B 9 -6.19 7.36 1.76
C3' 5CM B 9 -6.98 6.27 2.50
C4' 5CM B 9 -6.08 5.05 2.36
O4' 5CM B 9 -4.84 5.46 1.79
O3' 5CM B 9 -7.17 6.56 3.89
C5' 5CM B 9 -6.68 3.92 1.52
O5' 5CM B 9 -7.04 4.35 0.21
P 5CM B 9 -7.49 3.29 -0.93
OP1 5CM B 9 -8.55 2.42 -0.36
OP2 5CM B 9 -7.76 4.04 -2.18
H5A1 5CM B 9 -2.65 6.99 -3.33
H5A2 5CM B 9 -3.31 8.62 -3.29
H5A3 5CM B 9 -4.38 7.23 -3.04
H6 5CM B 9 -4.99 6.94 -0.80
HN41 5CM B 9 0.00 8.88 -1.11
HN42 5CM B 9 -0.95 8.55 -2.57
H1' 5CM B 9 -4.42 7.12 2.92
H2' 5CM B 9 -6.52 7.39 0.73
H2'' 5CM B 9 -6.32 8.35 2.20
H3' 5CM B 9 -7.94 6.11 2.01
H4' 5CM B 9 -5.87 4.64 3.36
H5' 5CM B 9 -5.95 3.11 1.44
H5'' 5CM B 9 -7.57 3.54 2.03
P 8OG B 10 -8.28 7.61 4.42
OP1 8OG B 10 -8.55 7.30 5.83
OP2 8OG B 10 -9.41 7.64 3.45
O5' 8OG B 10 -7.52 9.04 4.34
C5' 8OG B 10 -6.51 9.39 5.27
C4' 8OG B 10 -5.76 10.67 4.87
O4' 8OG B 10 -4.82 10.41 3.84
C3' 8OG B 10 -6.70 11.80 4.38
O3' 8OG B 10 -6.39 13.06 4.96
C2' 8OG B 10 -6.33 11.87 2.90
C1' 8OG B 10 -4.85 11.55 2.99
N9 8OG B 10 -4.11 11.37 1.72
C8 8OG B 10 -4.51 10.95 0.47
N7 8OG B 10 -3.61 11.01 -0.45
C5 8OG B 10 -2.49 11.53 0.21
C6 8OG B 10 -1.17 11.84 -0.27
O6 8OG B 10 -0.71 11.69 -1.39
N1 8OG B 10 -0.35 12.35 0.72
C2 8OG B 10 -0.75 12.54 2.01
N2 8OG B 10 0.13 13.01 2.85
N3 8OG B 10 -1.95 12.25 2.48
C4 8OG B 10 -2.79 11.74 1.54
O8 8OG B 10 -5.64 10.53 0.19
H5' 8OG B 10 -5.78 8.57 5.35
H5'' 8OG B 10 -6.97 9.54 6.25
H4' 8OG B 10 -5.22 11.02 5.75
H3' 8OG B 10 -7.75 11.56 4.52
H2' 8OG B 10 -6.87 11.10 2.35
H2'' 8OG B 10 -6.53 12.86 2.48
H1' 8OG B 10 -4.37 12.37 3.53
H7 8OG B 10 -3.74 10.78 -1.42
H1 8OG B 10 0.58 12.60 0.45
H21 8OG B 10 1.07 13.27 2.54
H22 8OG B 10 -0.15 13.15 3.80
N1 5CM A 9 3.62 -7.35 -1.16
C2 5CM A 9 4.84 -6.81 -0.73
N3 5CM A 9 5.13 -6.67 0.58
C4 5CM A 9 4.23 -7.07 1.46
C5 5CM A 9 2.97 -7.67 1.11
C5A 5CM A 9 1.96 -8.15 2.14
C6 5CM A 9 2.71 -7.80 -0.22
O2 5CM A 9 5.71 -6.46 -1.54
N4 5CM A 9 4.59 -6.86 2.70
C1' 5CM A 9 3.30 -7.37 -2.61
C2' 5CM A 9 2.81 -8.71 -3.17
C3' 5CM A 9 2.05 -8.27 -4.42
C4' 5CM A 9 1.65 -6.83 -4.09
O4' 5CM A 9 2.27 -6.44 -2.88
O3' 5CM A 9 2.87 -8.27 -5.60
C5' 5CM A 9 0.13 -6.62 -3.99
O5' 5CM A 9 -0.48 -7.49 -3.04
P 5CM A 9 -2.02 -7.32 -2.62
OP1 5CM A 9 -2.83 -7.26 -3.86
OP2 5CM A 9 -2.35 -8.33 -1.60
H5A1 5CM A 9 1.67 -7.32 2.79
H5A2 5CM A 9 2.41 -8.93 2.77
H5A3 5CM A 9 1.07 -8.55 1.66
H6 5CM A 9 1.77 -8.22 -0.54
HN41 5CM A 9 5.49 -6.43 2.87
HN42 5CM A 9 4.00 -7.17 3.45
H1' 5CM A 9 4.19 -7.09 -3.19
H2' 5CM A 9 2.10 -9.19 -2.49
H2'' 5CM A 9 3.63 -9.38 -3.37
H3' 5CM A 9 1.17 -8.89 -4.58
H4' 5CM A 9 2.02 -6.17 -4.89
H5' 5CM A 9 -0.06 -5.58 -3.72
H5'' 5CM A 9 -0.31 -6.80 -4.98
P 8OG A 10 3.25 -9.62 -6.39
OP1 8OG A 10 3.67 -9.25 -7.76
OP2 8OG A 10 2.15 -10.61 -6.23
O5' 8OG A 10 4.54 -10.17 -5.60
C5' 8OG A 10 5.81 -9.54 -5.72
C4' 8OG A 10 6.84 -10.07 -4.69
O4' 8OG A 10 6.59 -9.51 -3.40
C3' 8OG A 10 6.83 -11.60 -4.54
O3' 8OG A 10 8.14 -12.16 -4.57
C2' 8OG A 10 6.29 -11.77 -3.14
C1' 8OG A 10 6.89 -10.54 -2.48
N9 8OG A 10 6.47 -10.23 -1.08
C8 8OG A 10 5.30 -10.50 -0.40
N7 8OG A 10 5.33 -10.19 0.86
C5 8OG A 10 6.60 -9.67 1.06
C6 8OG A 10 7.24 -9.16 2.24
O6 8OG A 10 6.78 -9.04 3.37
N1 8OG A 10 8.54 -8.76 2.01
C2 8OG A 10 9.15 -8.81 0.79
N2 8OG A 10 10.38 -8.37 0.72
N3 8OG A 10 8.59 -9.27 -0.32
C4 8OG A 10 7.30 -9.69 -0.13
O8 8OG A 10 4.29 -11.00 -0.88
H5' 8OG A 10 5.71 -8.47 -5.58
H5'' 8OG A 10 6.20 -9.71 -6.72
H4' 8OG A 10 7.83 -9.74 -5.03
H3' 8OG A 10 6.18 -12.10 -5.28
H2' 8OG A 10 5.20 -11.72 -3.14
H2'' 8OG A 10 6.63 -12.70 -2.68
H1' 8OG A 10 7.98 -10.67 -2.46
H7 8OG A 10 4.58 -10.35 1.52
H1 8OG A 10 9.06 -8.38 2.79
H21 8OG A 10 10.87 -8.03 1.54
H22 8OG A 10 10.84 -8.42 -0.18
N1 5CM B 9 -3.49 7.52 1.14
C2 5CM B 9 -2.26 8.03 1.59
N3 5CM B 9 -1.32 8.44 0.71
C4 5CM B 9 -1.57 8.36 -0.58
C5 5CM B 9 -2.83 7.89 -1.12
C5A 5CM B 9 -3.12 7.84 -2.62
C6 5CM B 9 -3.76 7.48 -0.22
O2 5CM B 9 -2.00 8.17 2.78
N4 5CM B 9 -0.57 8.73 -1.34
C1' 5CM B 9 -4.44 6.97 2.13
C2' 5CM B 9 -5.89 7.45 2.00
C3' 5CM B 9 -6.66 6.31 2.67
C4' 5CM B 9 -5.75 5.10 2.45
O4' 5CM B 9 -4.50 5.57 1.97
O3' 5CM B 9 -6.86 6.51 4.08
C5' 5CM B 9 -6.33 4.06 1.48
O5' 5CM B 9 -6.64 4.61 0.21
P 5CM B 9 -7.17 3.67 -1.00
OP1 5CM B 9 -8.28 2.84 -0.48
OP2 5CM B 9 -7.40 4.52 -2.19
H5A1 5CM B 9 -2.38 7.22 -3.12
H5A2 5CM B 9 -4.12 7.44 -2.81
H5A3 5CM B 9 -3.07 8.86 -3.03
H6 5CM B 9 -4.71 7.09 -0.56
HN41 5CM B 9 0.28 9.04 -0.88
HN42 5CM B 9 -0.68 8.76 -2.34
H1' 5CM B 9 -4.11 7.20 3.15
H2' 5CM B 9 -6.20 7.53 0.97
H2'' 5CM B 9 -6.03 8.41 2.49
H3' 5CM B 9 -7.62 6.16 2.16
H4' 5CM B 9 -5.59 4.61 3.41
H5' 5CM B 9 -5.60 3.26 1.36
H5'' 5CM B 9 -7.22 3.63 1.92
P 8OG B 10 -7.98 7.51 4.66
OP1 8OG B 10 -8.23 7.13 6.07
OP2 8OG B 10 -9.13 7.56 3.73
O5' 8OG B 10 -7.25 8.95 4.64
C5' 8OG B 10 -6.21 9.26 5.56
C4' 8OG B 10 -5.47 10.56 5.19
O4' 8OG B 10 -4.58 10.34 4.09
C3' 8OG B 10 -6.41 11.71 4.78
O3' 8OG B 10 -6.08 12.94 5.42
C2' 8OG B 10 -6.10 11.88 3.30
C1' 8OG B 10 -4.62 11.52 3.31
N9 8OG B 10 -3.94 11.39 2.00
C8 8OG B 10 -4.40 11.01 0.76
N7 8OG B 10 -3.55 11.12 -0.21
C5 8OG B 10 -2.41 11.63 0.40
C6 8OG B 10 -1.12 11.97 -0.13
O6 8OG B 10 -0.71 11.89 -1.28
N1 8OG B 10 -0.26 12.47 0.83
C2 8OG B 10 -0.58 12.60 2.14
N2 8OG B 10 0.34 13.07 2.96
N3 8OG B 10 -1.76 12.28 2.68
C4 8OG B 10 -2.63 11.79 1.76
O8 8OG B 10 -5.54 10.59 0.52
H5' 8OG B 10 -5.48 8.45 5.58
H5'' 8OG B 10 -6.63 9.38 6.56
H4' 8OG B 10 -4.89 10.87 6.05
H3' 8OG B 10 -7.47 11.47 4.93
H2' 8OG B 10 -6.67 11.15 2.73
H2'' 8OG B 10 -6.29 12.89 2.96
H1' 8OG B 10 -4.09 12.31 3.87
H7 8OG B 10 -3.72 10.90 -1.18
H1 8OG B 10 0.67 12.72 0.54
H21 8OG B 10 1.25 13.35 2.60
H22 8OG B 10 0.10 13.17 3.92
N1 5CM A 9 3.55 -7.43 -1.14
C2 5CM A 9 4.77 -6.84 -0.74
N3 5CM A 9 5.06 -6.66 0.57
C4 5CM A 9 4.19 -7.08 1.47
C5 5CM A 9 2.95 -7.73 1.14
C5A 5CM A 9 1.97 -8.23 2.20
C6 5CM A 9 2.67 -7.89 -0.18
O2 5CM A 9 5.61 -6.47 -1.56
N4 5CM A 9 4.56 -6.84 2.71
C1' 5CM A 9 3.23 -7.50 -2.58
C2' 5CM A 9 2.76 -8.86 -3.10
C3' 5CM A 9 2.00 -8.49 -4.37
C4' 5CM A 9 1.55 -7.05 -4.08
O4' 5CM A 9 2.16 -6.61 -2.87
O3' 5CM A 9 2.81 -8.49 -5.54
C5' 5CM A 9 0.03 -6.87 -3.99
O5' 5CM A 9 -0.56 -7.73 -3.01
P 5CM A 9 -2.10 -7.57 -2.58
OP1 5CM A 9 -2.93 -7.55 -3.82
OP2 5CM A 9 -2.41 -8.58 -1.54
H5A1 5CM A 9 1.65 -7.41 2.83
H5A2 5CM A 9 2.45 -8.98 2.83
H5A3 5CM A 9 1.08 -8.68 1.74
H6 5CM A 9 1.74 -8.36 -0.48
HN41 5CM A 9 5.46 -6.39 2.85
HN42 5CM A 9 3.99 -7.17 3.47
H1' 5CM A 9 4.10 -7.20 -3.18
H2' 5CM A 9 2.08 -9.36 -2.41
H2'' 5CM A 9 3.61 -9.52 -3.30
H3' 5CM A 9 1.13 -9.13 -4.49
H4' 5CM A 9 1.91 -6.40 -4.88
H5' 5CM A 9 -0.19 -5.83 -3.74
H5'' 5CM A 9 -0.41 -7.08 -4.96
P 8OG A 10 3.22 -9.86 -6.30
OP1 8OG A 10 3.62 -9.50 -7.68
OP2 8OG A 10 2.15 -10.86 -6.11
O5' 8OG A 10 4.53 -10.36 -5.50
C5' 8OG A 10 5.79 -9.71 -5.66
C4' 8OG A 10 6.83 -10.18 -4.64
O4' 8OG A 10 6.59 -9.58 -3.35
C3' 8OG A 10 6.85 -11.71 -4.42
O3' 8OG A 10 8.17 -12.25 -4.44
C2' 8OG A 10 6.32 -11.84 -3.01
C1' 8OG A 10 6.92 -10.57 -2.41
N9 8OG A 10 6.51 -10.22 -1.02
C8 8OG A 10 5.37 -10.49 -0.30
N7 8OG A 10 5.39 -10.14 0.94
C5 8OG A 10 6.67 -9.59 1.11
C6 8OG A 10 7.32 -9.04 2.26
O6 8OG A 10 6.88 -8.89 3.39
N1 8OG A 10 8.61 -8.63 2.00
C2 8OG A 10 9.21 -8.72 0.78
N2 8OG A 10 10.42 -8.27 0.66
N3 8OG A 10 8.63 -9.21 -0.32
C4 8OG A 10 7.35 -9.64 -0.09
O8 8OG A 10 4.34 -11.02 -0.75
H5' 8OG A 10 5.66 -8.63 -5.56
H5'' 8OG A 10 6.18 -9.90 -6.66
H4' 8OG A 10 7.81 -9.86 -4.98
H3' 8OG A 10 6.20 -12.24 -5.14
H2' 8OG A 10 5.23 -11.80 -3.01
H2'' 8OG A 10 6.68 -12.74 -2.53
H1' 8OG A 10 8.01 -10.69 -2.39
H7 8OG A 10 4.66 -10.29 1.63
H1 8OG A 10 9.14 -8.23 2.76
H21 8OG A 10 10.92 -7.90 1.47
H22 8OG A 10 10.87 -8.32 -0.23
N1 5CM B 9 -3.56 7.58 0.96
C2 5CM B 9 -2.34 8.07 1.44
N3 5CM B 9 -1.37 8.47 0.58
C4 5CM B 9 -1.61 8.42 -0.71
C5 5CM B 9 -2.87 7.98 -1.28
C5A 5CM B 9 -3.15 7.96 -2.78
C6 5CM B 9 -3.82 7.56 -0.40
O2 5CM B 9 -2.09 8.17 2.64
N4 5CM B 9 -0.59 8.78 -1.45
C1' 5CM B 9 -4.55 7.02 1.93
C2' 5CM B 9 -5.98 7.54 1.79
C3' 5CM B 9 -6.80 6.42 2.44
C4' 5CM B 9 -5.90 5.19 2.20
O4' 5CM B 9 -4.63 5.63 1.74
O3' 5CM B 9 -6.99 6.59 3.84
C5' 5CM B 9 -6.50 4.18 1.21
O5' 5CM B 9 -6.80 4.75 -0.04
P 5CM B 9 -7.35 3.85 -1.26
OP1 5CM B 9 -8.49 3.04 -0.76
OP2 5CM B 9 -7.56 4.73 -2.45
H5A1 5CM B 9 -4.14 7.57 -2.99
H5A2 5CM B 9 -3.07 8.98 -3.18
H5A3 5CM B 9 -2.41 7.34 -3.29
H6 5CM B 9 -4.77 7.20 -0.76
HN41 5CM B 9 0.26 9.06 -0.97
HN42 5CM B 9 -0.69 8.83 -2.46
H1' 5CM B 9 -4.22 7.22 2.95
H2' 5CM B 9 -6.28 7.65 0.75
H2'' 5CM B 9 -6.10 8.50 2.30
H3' 5CM B 9 -7.75 6.29 1.93
H4' 5CM B 9 -5.76 4.67 3.16
H5' 5CM B 9 -5.78 3.36 1.08
H5'' 5CM B 9 -7.41 3.76 1.65
P 8OG B 10 -8.08 7.61 4.45
OP1 8OG B 10 -8.35 7.22 5.85
OP2 8OG B 10 -9.22 7.72 3.50
O5' 8OG B 10 -7.30 9.03 4.46
C5' 8OG B 10 -6.25 9.28 5.38
C4' 8OG B 10 -5.46 10.55 5.05
O4' 8OG B 10 -4.58 10.35 3.95
C3' 8OG B 10 -6.36 11.76 4.68
O3' 8OG B 10 -6.00 12.95 5.35
C2' 8OG B 10 -6.04 11.96 3.21
C1' 8OG B 10 -4.57 11.55 3.22
N9 8OG B 10 -3.88 11.44 1.90
C8 8OG B 10 -4.35 11.12 0.65
N7 8OG B 10 -3.48 11.23 -0.31
C5 8OG B 10 -2.33 11.68 0.33
C6 8OG B 10 -1.04 12.01 -0.19
O6 8OG B 10 -0.62 11.94 -1.35
N1 8OG B 10 -0.17 12.46 0.79
C2 8OG B 10 -0.49 12.57 2.10
N2 8OG B 10 0.43 12.99 2.93
N3 8OG B 10 -1.68 12.27 2.62
C4 8OG B 10 -2.57 11.82 1.68
O8 8OG B 10 -5.48 10.72 0.39
H5' 8OG B 10 -5.55 8.44 5.38
H5'' 8OG B 10 -6.66 9.37 6.38
H4' 8OG B 10 -4.87 10.83 5.92
H3' 8OG B 10 -7.43 11.54 4.82
H2' 8OG B 10 -6.63 11.28 2.60
H2'' 8OG B 10 -6.19 12.99 2.89
H1' 8OG B 10 -4.02 12.30 3.80
H7 8OG B 10 -3.66 11.04 -1.28
H1 8OG B 10 0.76 12.70 0.50
H21 8OG B 10 1.35 13.26 2.58
H22 8OG B 10 0.19 13.06 3.90
#